data_6UPA
#
_entry.id   6UPA
#
_cell.length_a   82.730
_cell.length_b   82.730
_cell.length_c   170.350
_cell.angle_alpha   90.000
_cell.angle_beta   90.000
_cell.angle_gamma   90.000
#
_symmetry.space_group_name_H-M   'P 41 21 2'
#
loop_
_entity.id
_entity.type
_entity.pdbx_description
1 polymer Septin-6
2 polymer Septin-2
3 non-polymer "GUANOSINE-5'-TRIPHOSPHATE"
4 non-polymer 'MAGNESIUM ION'
5 non-polymer "GUANOSINE-5'-DIPHOSPHATE"
6 water water
#
loop_
_entity_poly.entity_id
_entity_poly.type
_entity_poly.pdbx_seq_one_letter_code
_entity_poly.pdbx_strand_id
1 'polypeptide(L)'
;MGSSHHHHHHSQDPGFCFNILCVGETGLGKSTLMDTLFNTKFEGEPATHTQPGVQLQSNTYDLQESNVRLKLTIVSTVGF
GDQINKEDSYKPIVEFIDAQFEAYLQEELKIRRVLHTYHDSRIHVCLYFIAPTGHSLKSLDLVTMKKLDSKVNIIPIIAK
ADAISKSELTKFKIKITSELVSNGVQIYQFPTDDESVAEINGTMNAHLPFAVIGSTEELKIGNKMMRARQYPWGTVQVEN
EAHCDFVKLREMLIRVNMEDLREQTHTRHYELYRRCKLEE
;
B
2 'polypeptide(L)'
;MGFEFTLMVVGESGLGKSTLINSLFLTDLYPERVIPGAAEKIERTVQIEASTVEIEERGVKLRLTVVDTPGYGDAINCRD
CFKTIISYIDEQFERYLHDESGLNRRHIIDNRVHCCFYFISPFGHGLKPLDVAFMKAIHNKVNIVPVIAKADTLTLKERE
RLKKRILDEIEEHNIKIYHLPDAESDEDEDFKEQTRLLKASIPFSVVGSNQLIEAKGKKVRGRLYPWGVVEVENPEHNDF
LKLRTMLITHMQDLQEVTQDLHYENFRSERLKRGGLESGKETAAAKFERNHMDSSTSAA
;
A
#
# COMPACT_ATOMS: atom_id res chain seq x y z
N PHE A 16 5.63 22.28 -27.64
CA PHE A 16 4.46 21.97 -26.83
C PHE A 16 4.85 21.53 -25.41
N CYS A 17 4.26 22.17 -24.41
CA CYS A 17 4.53 21.85 -23.01
C CYS A 17 3.40 20.99 -22.45
N PHE A 18 3.78 19.98 -21.66
CA PHE A 18 2.80 19.14 -20.97
C PHE A 18 3.47 18.60 -19.72
N ASN A 19 2.89 18.86 -18.56
CA ASN A 19 3.50 18.57 -17.27
C ASN A 19 2.61 17.58 -16.51
N ILE A 20 3.19 16.44 -16.14
CA ILE A 20 2.48 15.38 -15.46
C ILE A 20 2.97 15.31 -14.02
N LEU A 21 2.03 15.25 -13.08
CA LEU A 21 2.35 15.07 -11.67
C LEU A 21 1.93 13.67 -11.23
N CYS A 22 2.87 12.95 -10.62
CA CYS A 22 2.60 11.62 -10.07
C CYS A 22 2.64 11.73 -8.56
N VAL A 23 1.52 11.36 -7.92
CA VAL A 23 1.40 11.39 -6.47
C VAL A 23 1.02 9.99 -6.03
N GLY A 24 1.94 9.34 -5.31
CA GLY A 24 1.68 8.01 -4.79
C GLY A 24 2.60 7.70 -3.63
N GLU A 25 2.23 6.69 -2.87
CA GLU A 25 3.09 6.19 -1.81
C GLU A 25 4.40 5.66 -2.41
N THR A 26 5.44 5.68 -1.58
CA THR A 26 6.77 5.29 -2.04
C THR A 26 6.79 3.84 -2.52
N GLY A 27 7.30 3.63 -3.73
CA GLY A 27 7.44 2.31 -4.32
C GLY A 27 6.24 1.82 -5.10
N LEU A 28 5.18 2.62 -5.21
CA LEU A 28 3.94 2.19 -5.85
C LEU A 28 4.04 2.09 -7.37
N GLY A 29 5.20 2.34 -7.96
CA GLY A 29 5.41 2.18 -9.38
C GLY A 29 5.28 3.44 -10.21
N LYS A 30 5.59 4.61 -9.64
CA LYS A 30 5.46 5.85 -10.40
C LYS A 30 6.48 5.94 -11.53
N SER A 31 7.75 5.69 -11.22
CA SER A 31 8.78 5.77 -12.26
C SER A 31 8.59 4.68 -13.31
N THR A 32 8.15 3.48 -12.88
CA THR A 32 7.94 2.40 -13.82
C THR A 32 6.81 2.72 -14.80
N LEU A 33 5.73 3.32 -14.32
CA LEU A 33 4.59 3.60 -15.20
C LEU A 33 4.93 4.66 -16.24
N MET A 34 5.72 5.67 -15.86
CA MET A 34 6.12 6.69 -16.82
C MET A 34 7.01 6.09 -17.91
N ASP A 35 7.96 5.23 -17.53
CA ASP A 35 8.77 4.55 -18.52
C ASP A 35 7.92 3.66 -19.43
N THR A 36 6.80 3.15 -18.90
CA THR A 36 5.94 2.30 -19.73
C THR A 36 5.14 3.12 -20.73
N LEU A 37 4.77 4.35 -20.38
CA LEU A 37 3.95 5.16 -21.27
C LEU A 37 4.71 5.63 -22.50
N PHE A 38 6.01 5.91 -22.37
CA PHE A 38 6.77 6.52 -23.45
C PHE A 38 7.88 5.64 -24.00
N ASN A 39 8.06 4.42 -23.48
CA ASN A 39 9.08 3.49 -23.96
C ASN A 39 10.47 4.12 -23.92
N THR A 40 10.86 4.59 -22.73
CA THR A 40 12.16 5.21 -22.54
C THR A 40 12.46 5.27 -21.05
N LYS A 41 13.75 5.17 -20.73
CA LYS A 41 14.20 5.28 -19.34
C LYS A 41 14.35 6.73 -18.95
N PHE A 42 13.87 7.07 -17.75
CA PHE A 42 13.96 8.43 -17.23
C PHE A 42 14.91 8.49 -16.04
N GLU A 45 15.80 7.40 -9.94
CA GLU A 45 16.24 6.58 -8.81
C GLU A 45 15.13 6.44 -7.77
N PRO A 46 15.04 5.26 -7.14
CA PRO A 46 13.99 5.05 -6.13
C PRO A 46 14.30 5.79 -4.84
N ALA A 47 13.27 6.33 -4.22
CA ALA A 47 13.43 7.06 -2.97
C ALA A 47 13.50 6.10 -1.79
N THR A 48 13.99 6.62 -0.66
CA THR A 48 13.97 5.87 0.58
C THR A 48 12.67 6.13 1.32
N HIS A 49 12.45 5.33 2.37
CA HIS A 49 11.30 5.49 3.23
C HIS A 49 11.58 6.36 4.45
N THR A 50 12.78 6.94 4.53
CA THR A 50 13.23 7.68 5.70
C THR A 50 13.12 9.20 5.53
N GLN A 51 12.45 9.66 4.48
CA GLN A 51 12.37 11.10 4.24
C GLN A 51 11.51 11.76 5.32
N PRO A 52 12.02 12.80 5.99
CA PRO A 52 11.24 13.42 7.07
C PRO A 52 10.03 14.19 6.59
N GLY A 53 9.96 14.54 5.31
CA GLY A 53 8.82 15.26 4.78
C GLY A 53 8.63 14.96 3.31
N VAL A 54 7.51 15.42 2.78
CA VAL A 54 7.18 15.21 1.37
C VAL A 54 7.87 16.27 0.53
N GLN A 55 8.60 15.83 -0.49
CA GLN A 55 9.24 16.71 -1.45
C GLN A 55 8.81 16.31 -2.86
N LEU A 56 9.26 17.08 -3.84
CA LEU A 56 8.91 16.83 -5.23
C LEU A 56 10.16 16.92 -6.10
N GLN A 57 10.22 16.07 -7.12
CA GLN A 57 11.34 16.01 -8.04
C GLN A 57 10.81 16.25 -9.45
N SER A 58 11.35 17.26 -10.12
CA SER A 58 10.90 17.64 -11.46
C SER A 58 12.03 17.42 -12.46
N ASN A 59 11.68 16.85 -13.60
CA ASN A 59 12.63 16.63 -14.70
C ASN A 59 11.92 16.85 -16.02
N THR A 60 12.53 17.63 -16.91
CA THR A 60 11.97 17.99 -18.19
C THR A 60 12.72 17.28 -19.31
N TYR A 61 11.97 16.74 -20.28
CA TYR A 61 12.54 16.00 -21.40
C TYR A 61 12.06 16.60 -22.71
N ASP A 62 12.89 16.47 -23.74
CA ASP A 62 12.58 16.96 -25.07
C ASP A 62 12.24 15.76 -25.97
N LEU A 63 10.96 15.61 -26.29
CA LEU A 63 10.51 14.55 -27.19
C LEU A 63 9.48 15.07 -28.18
N ARG A 69 9.16 18.99 -30.63
CA ARG A 69 7.77 18.54 -30.71
C ARG A 69 7.05 18.68 -29.38
N LEU A 70 7.48 17.91 -28.38
CA LEU A 70 6.84 17.88 -27.08
C LEU A 70 7.88 18.06 -25.99
N LYS A 71 7.63 19.01 -25.08
CA LYS A 71 8.51 19.30 -23.95
C LYS A 71 7.85 18.75 -22.69
N LEU A 72 8.13 17.48 -22.38
CA LEU A 72 7.50 16.79 -21.28
C LEU A 72 8.25 17.04 -19.97
N THR A 73 7.50 17.29 -18.91
CA THR A 73 8.04 17.48 -17.57
C THR A 73 7.31 16.53 -16.63
N ILE A 74 8.09 15.76 -15.87
CA ILE A 74 7.55 14.75 -14.95
C ILE A 74 7.90 15.15 -13.53
N VAL A 75 6.88 15.35 -12.70
CA VAL A 75 7.04 15.70 -11.29
C VAL A 75 6.53 14.54 -10.45
N SER A 76 7.36 14.06 -9.54
CA SER A 76 7.04 12.92 -8.70
C SER A 76 7.19 13.28 -7.23
N THR A 77 6.30 12.76 -6.40
CA THR A 77 6.40 12.95 -4.96
C THR A 77 7.52 12.10 -4.38
N VAL A 78 8.16 12.61 -3.34
CA VAL A 78 9.26 11.93 -2.67
C VAL A 78 8.91 11.84 -1.18
N GLY A 79 8.84 10.61 -0.66
CA GLY A 79 8.54 10.40 0.74
C GLY A 79 7.09 10.56 1.10
N PHE A 80 6.18 10.45 0.13
CA PHE A 80 4.75 10.60 0.39
C PHE A 80 4.20 9.34 1.04
N GLY A 81 3.71 9.48 2.27
CA GLY A 81 3.10 8.37 2.99
C GLY A 81 4.04 7.59 3.89
N ASP A 82 5.31 7.98 3.99
CA ASP A 82 6.27 7.21 4.77
C ASP A 82 6.38 7.68 6.21
N GLN A 83 6.03 8.93 6.50
CA GLN A 83 6.15 9.45 7.85
C GLN A 83 5.04 8.87 8.74
N ILE A 84 5.35 8.73 10.03
CA ILE A 84 4.35 8.22 10.95
C ILE A 84 3.21 9.22 11.11
N ASN A 85 3.53 10.51 11.11
CA ASN A 85 2.53 11.57 11.10
C ASN A 85 2.40 12.11 9.68
N LYS A 86 1.20 11.99 9.11
CA LYS A 86 0.96 12.33 7.71
C LYS A 86 -0.06 13.45 7.56
N GLU A 87 -0.12 14.37 8.52
CA GLU A 87 -1.09 15.46 8.44
C GLU A 87 -0.64 16.55 7.46
N ASP A 88 0.67 16.70 7.26
CA ASP A 88 1.23 17.74 6.40
C ASP A 88 1.68 17.21 5.05
N SER A 89 1.05 16.15 4.54
CA SER A 89 1.48 15.54 3.29
C SER A 89 0.99 16.33 2.07
N TYR A 90 -0.23 16.87 2.15
CA TYR A 90 -0.76 17.61 1.01
C TYR A 90 -0.09 18.96 0.83
N LYS A 91 0.44 19.54 1.93
CA LYS A 91 0.92 20.91 1.88
C LYS A 91 2.05 21.13 0.87
N PRO A 92 3.09 20.30 0.80
CA PRO A 92 4.15 20.55 -0.20
C PRO A 92 3.66 20.43 -1.63
N ILE A 93 2.66 19.59 -1.89
CA ILE A 93 2.16 19.44 -3.26
C ILE A 93 1.35 20.67 -3.66
N VAL A 94 0.50 21.17 -2.76
CA VAL A 94 -0.24 22.39 -3.04
C VAL A 94 0.73 23.57 -3.19
N GLU A 95 1.79 23.59 -2.38
CA GLU A 95 2.78 24.66 -2.47
C GLU A 95 3.43 24.70 -3.84
N PHE A 96 3.73 23.53 -4.41
CA PHE A 96 4.39 23.46 -5.71
C PHE A 96 3.42 23.86 -6.82
N ILE A 97 2.18 23.40 -6.75
CA ILE A 97 1.18 23.76 -7.76
C ILE A 97 0.96 25.26 -7.77
N ASP A 98 0.84 25.86 -6.58
CA ASP A 98 0.67 27.31 -6.49
C ASP A 98 1.89 28.04 -7.04
N ALA A 99 3.08 27.49 -6.83
CA ALA A 99 4.29 28.13 -7.34
C ALA A 99 4.29 28.18 -8.86
N GLN A 100 3.69 27.18 -9.51
CA GLN A 100 3.54 27.22 -10.96
C GLN A 100 2.41 28.16 -11.38
N PHE A 101 1.32 28.19 -10.61
CA PHE A 101 0.27 29.16 -10.87
C PHE A 101 0.79 30.58 -10.69
N GLU A 102 1.67 30.79 -9.72
CA GLU A 102 2.19 32.14 -9.45
C GLU A 102 3.15 32.58 -10.54
N ALA A 103 4.06 31.70 -10.96
CA ALA A 103 5.02 32.06 -12.01
C ALA A 103 4.33 32.39 -13.32
N TYR A 104 3.23 31.70 -13.63
CA TYR A 104 2.47 32.04 -14.83
C TYR A 104 1.77 33.38 -14.68
N LEU A 105 1.24 33.66 -13.48
CA LEU A 105 0.62 34.95 -13.23
C LEU A 105 1.65 36.07 -13.32
N GLN A 106 2.89 35.82 -12.91
CA GLN A 106 3.94 36.82 -13.07
C GLN A 106 4.21 37.10 -14.54
N GLU A 107 3.97 36.11 -15.41
CA GLU A 107 4.20 36.31 -16.83
C GLU A 107 3.14 37.21 -17.43
N GLU A 108 1.88 37.04 -17.04
CA GLU A 108 0.81 37.88 -17.56
C GLU A 108 0.89 39.31 -17.07
N LEU A 109 1.62 39.57 -16.00
CA LEU A 109 1.74 40.90 -15.41
C LEU A 109 3.00 41.62 -15.83
N LYS A 110 3.86 41.01 -16.65
CA LYS A 110 5.00 41.73 -17.19
C LYS A 110 4.52 42.70 -18.26
N ILE A 111 5.13 43.89 -18.28
CA ILE A 111 4.78 44.89 -19.29
C ILE A 111 5.23 44.41 -20.67
N ARG A 112 6.54 44.21 -20.84
CA ARG A 112 7.08 43.59 -22.05
C ARG A 112 7.25 42.11 -21.75
N ARG A 113 6.17 41.37 -21.93
CA ARG A 113 6.14 39.94 -21.63
C ARG A 113 6.49 39.11 -22.85
N VAL A 114 6.77 37.83 -22.61
CA VAL A 114 7.17 36.91 -23.67
C VAL A 114 6.34 35.63 -23.57
N LEU A 115 5.02 35.75 -23.77
CA LEU A 115 4.15 34.58 -23.70
C LEU A 115 4.52 33.55 -24.77
N HIS A 116 4.85 34.02 -25.98
CA HIS A 116 5.07 33.11 -27.09
C HIS A 116 6.27 32.19 -26.83
N THR A 117 7.24 32.65 -26.04
CA THR A 117 8.45 31.87 -25.77
C THR A 117 8.51 31.34 -24.34
N TYR A 118 7.47 31.55 -23.54
CA TYR A 118 7.49 31.11 -22.16
C TYR A 118 7.11 29.63 -22.05
N HIS A 119 7.87 28.89 -21.24
CA HIS A 119 7.64 27.48 -21.02
C HIS A 119 6.62 27.31 -19.90
N ASP A 120 5.41 26.88 -20.25
CA ASP A 120 4.35 26.67 -19.28
C ASP A 120 4.74 25.52 -18.34
N SER A 121 4.88 25.83 -17.05
CA SER A 121 5.26 24.84 -16.05
C SER A 121 4.10 24.41 -15.17
N ARG A 122 2.89 24.88 -15.45
CA ARG A 122 1.74 24.49 -14.64
C ARG A 122 1.43 23.01 -14.83
N ILE A 123 1.03 22.36 -13.74
CA ILE A 123 0.67 20.95 -13.80
C ILE A 123 -0.63 20.80 -14.58
N HIS A 124 -0.59 20.03 -15.67
CA HIS A 124 -1.75 19.84 -16.51
C HIS A 124 -2.55 18.59 -16.18
N VAL A 125 -1.96 17.66 -15.43
CA VAL A 125 -2.65 16.43 -15.07
C VAL A 125 -1.96 15.86 -13.83
N CYS A 126 -2.76 15.30 -12.93
CA CYS A 126 -2.25 14.61 -11.76
C CYS A 126 -2.77 13.18 -11.75
N LEU A 127 -1.87 12.22 -11.86
CA LEU A 127 -2.19 10.81 -11.73
C LEU A 127 -2.00 10.43 -10.27
N TYR A 128 -3.10 10.21 -9.55
CA TYR A 128 -3.02 9.82 -8.16
C TYR A 128 -2.99 8.30 -8.07
N PHE A 129 -1.91 7.76 -7.50
CA PHE A 129 -1.71 6.32 -7.40
C PHE A 129 -2.37 5.80 -6.13
N ILE A 130 -3.28 4.85 -6.29
CA ILE A 130 -4.01 4.26 -5.17
C ILE A 130 -3.45 2.86 -4.91
N ALA A 131 -3.11 2.58 -3.67
CA ALA A 131 -2.57 1.28 -3.32
C ALA A 131 -3.65 0.22 -3.53
N PRO A 132 -3.32 -0.90 -4.17
CA PRO A 132 -4.34 -1.93 -4.42
C PRO A 132 -4.74 -2.69 -3.15
N THR A 133 -5.36 -2.00 -2.19
CA THR A 133 -5.74 -2.65 -0.94
C THR A 133 -6.91 -3.60 -1.13
N GLY A 134 -7.79 -3.33 -2.10
CA GLY A 134 -8.99 -4.10 -2.28
C GLY A 134 -10.19 -3.65 -1.47
N HIS A 135 -10.00 -2.71 -0.53
CA HIS A 135 -11.10 -2.16 0.23
C HIS A 135 -11.68 -0.95 -0.48
N SER A 136 -11.22 0.25 -0.10
CA SER A 136 -11.62 1.46 -0.80
C SER A 136 -10.44 2.43 -0.82
N LEU A 137 -10.65 3.62 -0.26
CA LEU A 137 -9.61 4.63 -0.18
C LEU A 137 -8.98 4.61 1.21
N LYS A 138 -7.70 4.92 1.28
CA LYS A 138 -7.08 5.23 2.55
C LYS A 138 -7.40 6.66 2.94
N SER A 139 -7.26 6.96 4.24
CA SER A 139 -7.55 8.32 4.69
C SER A 139 -6.59 9.33 4.08
N LEU A 140 -5.35 8.90 3.79
CA LEU A 140 -4.41 9.78 3.11
C LEU A 140 -4.82 10.04 1.66
N ASP A 141 -5.47 9.07 1.01
CA ASP A 141 -5.97 9.29 -0.34
C ASP A 141 -7.12 10.29 -0.35
N LEU A 142 -8.03 10.18 0.62
CA LEU A 142 -9.19 11.06 0.63
C LEU A 142 -8.80 12.51 0.89
N VAL A 143 -7.91 12.74 1.86
CA VAL A 143 -7.55 14.10 2.23
C VAL A 143 -6.74 14.77 1.13
N THR A 144 -5.72 14.08 0.62
CA THR A 144 -4.86 14.69 -0.38
C THR A 144 -5.62 15.00 -1.67
N MET A 145 -6.46 14.06 -2.12
CA MET A 145 -7.24 14.32 -3.33
C MET A 145 -8.30 15.40 -3.11
N LYS A 146 -8.83 15.52 -1.88
CA LYS A 146 -9.85 16.53 -1.63
C LYS A 146 -9.27 17.94 -1.68
N LYS A 147 -8.03 18.11 -1.24
CA LYS A 147 -7.36 19.40 -1.28
C LYS A 147 -6.58 19.64 -2.57
N LEU A 148 -6.56 18.66 -3.46
CA LEU A 148 -6.13 18.86 -4.84
C LEU A 148 -7.30 18.97 -5.80
N ASP A 149 -8.53 19.02 -5.26
CA ASP A 149 -9.73 19.11 -6.09
C ASP A 149 -9.65 20.26 -7.07
N SER A 150 -9.56 21.49 -6.56
CA SER A 150 -9.62 22.70 -7.36
C SER A 150 -8.25 23.20 -7.79
N LYS A 151 -7.22 22.35 -7.69
CA LYS A 151 -5.86 22.75 -8.02
C LYS A 151 -5.31 22.08 -9.27
N VAL A 152 -5.81 20.90 -9.64
CA VAL A 152 -5.22 20.13 -10.73
C VAL A 152 -6.25 19.13 -11.22
N ASN A 153 -6.17 18.78 -12.51
CA ASN A 153 -6.99 17.72 -13.08
C ASN A 153 -6.55 16.38 -12.52
N ILE A 154 -7.38 15.78 -11.68
CA ILE A 154 -7.03 14.54 -11.01
C ILE A 154 -7.56 13.35 -11.82
N ILE A 155 -6.69 12.39 -12.07
CA ILE A 155 -7.07 11.12 -12.67
C ILE A 155 -6.69 10.01 -11.70
N PRO A 156 -7.67 9.41 -11.02
CA PRO A 156 -7.36 8.34 -10.07
C PRO A 156 -7.07 7.03 -10.77
N ILE A 157 -5.99 6.37 -10.37
CA ILE A 157 -5.61 5.08 -10.94
C ILE A 157 -5.29 4.12 -9.79
N ILE A 158 -5.56 2.85 -10.03
CA ILE A 158 -5.25 1.78 -9.09
C ILE A 158 -3.85 1.29 -9.44
N ALA A 159 -2.86 1.67 -8.63
CA ALA A 159 -1.49 1.27 -8.89
C ALA A 159 -1.30 -0.22 -8.68
N LYS A 160 -0.34 -0.79 -9.43
CA LYS A 160 0.00 -2.21 -9.37
C LYS A 160 -1.26 -3.08 -9.36
N ALA A 161 -2.05 -2.92 -10.43
CA ALA A 161 -3.35 -3.57 -10.49
C ALA A 161 -3.26 -5.09 -10.54
N ASP A 162 -2.08 -5.66 -10.82
CA ASP A 162 -1.91 -7.10 -10.83
C ASP A 162 -2.09 -7.72 -9.44
N ALA A 163 -2.30 -6.90 -8.41
CA ALA A 163 -2.58 -7.38 -7.06
C ALA A 163 -4.06 -7.67 -6.84
N ILE A 164 -4.91 -7.43 -7.82
CA ILE A 164 -6.35 -7.55 -7.66
C ILE A 164 -6.89 -8.48 -8.74
N SER A 165 -7.59 -9.53 -8.31
CA SER A 165 -8.28 -10.39 -9.25
C SER A 165 -9.48 -9.65 -9.86
N LYS A 166 -9.89 -10.11 -11.05
CA LYS A 166 -11.00 -9.46 -11.73
C LYS A 166 -12.30 -9.57 -10.94
N SER A 167 -12.42 -10.57 -10.07
CA SER A 167 -13.59 -10.66 -9.20
C SER A 167 -13.62 -9.49 -8.22
N GLU A 168 -12.45 -9.04 -7.76
CA GLU A 168 -12.35 -7.97 -6.78
C GLU A 168 -12.23 -6.59 -7.42
N LEU A 169 -11.68 -6.51 -8.64
CA LEU A 169 -11.48 -5.21 -9.28
C LEU A 169 -12.81 -4.51 -9.52
N THR A 170 -13.84 -5.26 -9.91
CA THR A 170 -15.16 -4.66 -10.10
C THR A 170 -15.67 -4.05 -8.80
N LYS A 171 -15.63 -4.81 -7.70
CA LYS A 171 -16.07 -4.29 -6.42
C LYS A 171 -15.20 -3.14 -5.95
N PHE A 172 -13.88 -3.24 -6.18
CA PHE A 172 -12.96 -2.20 -5.72
C PHE A 172 -13.24 -0.87 -6.43
N LYS A 173 -13.44 -0.91 -7.75
CA LYS A 173 -13.72 0.30 -8.49
C LYS A 173 -15.01 0.96 -8.02
N ILE A 174 -16.00 0.16 -7.61
CA ILE A 174 -17.27 0.72 -7.16
C ILE A 174 -17.09 1.42 -5.82
N LYS A 175 -16.37 0.80 -4.88
CA LYS A 175 -16.17 1.42 -3.57
C LYS A 175 -15.36 2.70 -3.68
N ILE A 176 -14.37 2.72 -4.57
CA ILE A 176 -13.57 3.92 -4.76
C ILE A 176 -14.42 5.07 -5.30
N THR A 177 -15.21 4.79 -6.35
CA THR A 177 -16.06 5.82 -6.92
C THR A 177 -17.10 6.30 -5.91
N SER A 178 -17.67 5.37 -5.13
CA SER A 178 -18.60 5.77 -4.08
C SER A 178 -17.92 6.64 -3.04
N GLU A 179 -16.61 6.46 -2.85
CA GLU A 179 -15.87 7.31 -1.91
C GLU A 179 -15.66 8.71 -2.47
N LEU A 180 -15.38 8.81 -3.78
CA LEU A 180 -15.17 10.11 -4.40
C LEU A 180 -16.47 10.89 -4.51
N VAL A 181 -17.60 10.21 -4.74
CA VAL A 181 -18.86 10.90 -4.88
C VAL A 181 -19.38 11.37 -3.53
N SER A 182 -19.32 10.49 -2.52
CA SER A 182 -19.84 10.83 -1.20
C SER A 182 -19.10 12.00 -0.58
N ASN A 183 -17.80 12.13 -0.85
CA ASN A 183 -17.00 13.22 -0.32
C ASN A 183 -16.89 14.40 -1.28
N GLY A 184 -17.60 14.35 -2.40
CA GLY A 184 -17.58 15.45 -3.36
C GLY A 184 -16.22 15.72 -3.96
N VAL A 185 -15.45 14.67 -4.24
CA VAL A 185 -14.13 14.83 -4.85
C VAL A 185 -14.32 15.09 -6.34
N GLN A 186 -13.77 16.20 -6.82
CA GLN A 186 -13.89 16.62 -8.21
C GLN A 186 -12.73 16.02 -9.00
N ILE A 187 -13.02 14.98 -9.77
CA ILE A 187 -12.01 14.33 -10.59
C ILE A 187 -12.19 14.74 -12.04
N TYR A 188 -11.11 14.64 -12.81
CA TYR A 188 -11.16 15.02 -14.21
C TYR A 188 -12.05 14.07 -14.99
N GLN A 189 -12.77 14.62 -15.97
CA GLN A 189 -13.59 13.82 -16.87
C GLN A 189 -13.21 14.16 -18.30
N PHE A 190 -12.98 13.13 -19.11
CA PHE A 190 -12.59 13.33 -20.49
C PHE A 190 -13.74 13.97 -21.27
N PRO A 191 -13.44 14.87 -22.21
CA PRO A 191 -14.50 15.70 -22.81
C PRO A 191 -15.44 14.88 -23.69
N THR A 192 -16.74 15.01 -23.42
CA THR A 192 -17.77 14.45 -24.29
C THR A 192 -18.44 15.51 -25.15
N ASP A 193 -18.00 16.77 -25.04
CA ASP A 193 -18.56 17.82 -25.90
C ASP A 193 -18.17 17.62 -27.36
N ASP A 194 -16.96 17.11 -27.61
CA ASP A 194 -16.52 16.81 -28.96
C ASP A 194 -17.15 15.49 -29.39
N GLU A 195 -18.06 15.56 -30.37
CA GLU A 195 -18.79 14.38 -30.78
C GLU A 195 -17.93 13.41 -31.59
N SER A 196 -16.78 13.85 -32.10
CA SER A 196 -15.95 12.97 -32.92
C SER A 196 -15.32 11.85 -32.10
N VAL A 197 -15.07 12.09 -30.81
CA VAL A 197 -14.49 11.08 -29.94
C VAL A 197 -15.22 11.08 -28.60
N ALA A 198 -16.55 11.15 -28.64
CA ALA A 198 -17.33 11.17 -27.41
C ALA A 198 -17.62 9.78 -26.88
N GLU A 199 -17.78 8.79 -27.75
CA GLU A 199 -18.06 7.43 -27.30
C GLU A 199 -16.84 6.80 -26.65
N ILE A 200 -15.66 6.98 -27.25
CA ILE A 200 -14.45 6.41 -26.67
C ILE A 200 -14.09 7.11 -25.37
N ASN A 201 -14.36 8.43 -25.27
CA ASN A 201 -14.16 9.12 -24.01
C ASN A 201 -15.21 8.73 -22.98
N GLY A 202 -16.42 8.36 -23.44
CA GLY A 202 -17.42 7.84 -22.53
C GLY A 202 -17.05 6.47 -22.00
N THR A 203 -16.28 5.71 -22.77
CA THR A 203 -15.78 4.42 -22.29
C THR A 203 -14.68 4.60 -21.26
N MET A 204 -13.77 5.54 -21.50
CA MET A 204 -12.69 5.77 -20.55
C MET A 204 -13.21 6.32 -19.23
N ASN A 205 -14.22 7.20 -19.29
CA ASN A 205 -14.82 7.72 -18.06
C ASN A 205 -15.51 6.62 -17.28
N ALA A 206 -16.04 5.60 -17.96
CA ALA A 206 -16.70 4.50 -17.29
C ALA A 206 -15.74 3.52 -16.66
N HIS A 207 -14.47 3.53 -17.06
CA HIS A 207 -13.45 2.64 -16.52
C HIS A 207 -12.62 3.28 -15.41
N LEU A 208 -12.88 4.53 -15.07
CA LEU A 208 -12.18 5.15 -13.95
C LEU A 208 -12.65 4.53 -12.64
N PRO A 209 -11.73 4.25 -11.70
CA PRO A 209 -10.28 4.49 -11.83
C PRO A 209 -9.57 3.42 -12.66
N PHE A 210 -8.57 3.84 -13.42
CA PHE A 210 -7.87 2.92 -14.32
C PHE A 210 -7.01 1.94 -13.53
N ALA A 211 -7.22 0.65 -13.78
CA ALA A 211 -6.37 -0.40 -13.22
C ALA A 211 -5.14 -0.54 -14.11
N VAL A 212 -4.03 0.06 -13.68
CA VAL A 212 -2.84 0.17 -14.51
C VAL A 212 -1.77 -0.79 -14.01
N ILE A 213 -0.93 -1.25 -14.94
CA ILE A 213 0.24 -2.07 -14.65
C ILE A 213 1.40 -1.54 -15.49
N GLY A 214 2.58 -1.44 -14.87
CA GLY A 214 3.76 -0.98 -15.58
C GLY A 214 4.90 -1.98 -15.55
N SER A 215 5.81 -1.89 -16.51
CA SER A 215 6.96 -2.78 -16.57
C SER A 215 8.02 -2.17 -17.48
N THR A 216 9.28 -2.29 -17.07
CA THR A 216 10.41 -1.73 -17.81
C THR A 216 11.18 -2.79 -18.58
N GLU A 217 10.59 -3.96 -18.80
CA GLU A 217 11.24 -4.99 -19.59
C GLU A 217 10.18 -5.79 -20.34
N GLU A 218 10.54 -6.22 -21.54
CA GLU A 218 9.64 -6.95 -22.41
C GLU A 218 9.97 -8.44 -22.44
N LEU A 219 9.02 -9.22 -22.92
CA LEU A 219 9.21 -10.64 -23.17
C LEU A 219 8.57 -10.99 -24.49
N LYS A 220 8.96 -12.14 -25.04
CA LYS A 220 8.44 -12.62 -26.31
C LYS A 220 7.13 -13.37 -26.05
N ILE A 221 6.01 -12.68 -26.19
CA ILE A 221 4.68 -13.28 -26.10
C ILE A 221 4.11 -13.34 -27.51
N GLY A 222 3.74 -14.54 -27.95
CA GLY A 222 3.38 -14.75 -29.34
C GLY A 222 4.61 -14.64 -30.21
N ASN A 223 4.83 -13.47 -30.80
CA ASN A 223 6.06 -13.18 -31.51
C ASN A 223 6.28 -11.69 -31.63
N LYS A 224 5.72 -10.92 -30.70
CA LYS A 224 5.93 -9.48 -30.63
C LYS A 224 6.41 -9.13 -29.23
N MET A 225 7.57 -8.48 -29.15
CA MET A 225 8.12 -8.06 -27.87
C MET A 225 7.26 -6.97 -27.25
N MET A 226 6.81 -7.19 -26.02
CA MET A 226 5.97 -6.21 -25.35
C MET A 226 6.19 -6.29 -23.84
N ARG A 227 5.96 -5.14 -23.18
CA ARG A 227 6.19 -5.03 -21.74
C ARG A 227 5.38 -6.09 -21.00
N ALA A 228 6.02 -6.73 -20.01
CA ALA A 228 5.40 -7.86 -19.33
C ALA A 228 5.96 -8.02 -17.93
N ARG A 229 5.22 -8.75 -17.11
CA ARG A 229 5.67 -9.17 -15.78
C ARG A 229 5.39 -10.66 -15.67
N GLN A 230 6.43 -11.45 -15.46
CA GLN A 230 6.31 -12.91 -15.43
C GLN A 230 6.39 -13.41 -13.99
N TYR A 231 5.38 -14.17 -13.59
CA TYR A 231 5.32 -14.87 -12.32
C TYR A 231 5.44 -16.37 -12.55
N PRO A 232 5.73 -17.16 -11.52
CA PRO A 232 5.76 -18.62 -11.70
C PRO A 232 4.46 -19.21 -12.24
N TRP A 233 3.35 -18.48 -12.14
CA TRP A 233 2.06 -18.99 -12.57
C TRP A 233 1.52 -18.34 -13.83
N GLY A 234 2.19 -17.31 -14.35
CA GLY A 234 1.72 -16.67 -15.56
C GLY A 234 2.50 -15.40 -15.84
N THR A 235 2.22 -14.83 -17.02
CA THR A 235 2.89 -13.63 -17.48
C THR A 235 1.84 -12.55 -17.76
N VAL A 236 1.98 -11.40 -17.09
CA VAL A 236 1.06 -10.29 -17.30
C VAL A 236 1.45 -9.55 -18.57
N GLN A 237 0.47 -9.28 -19.42
CA GLN A 237 0.66 -8.49 -20.62
C GLN A 237 0.18 -7.07 -20.36
N VAL A 238 1.11 -6.10 -20.40
CA VAL A 238 0.78 -4.72 -20.06
C VAL A 238 -0.14 -4.10 -21.10
N GLU A 239 0.15 -4.33 -22.39
CA GLU A 239 -0.63 -3.72 -23.47
C GLU A 239 -1.88 -4.51 -23.83
N ASN A 240 -2.24 -5.52 -23.03
CA ASN A 240 -3.45 -6.31 -23.28
C ASN A 240 -4.60 -5.72 -22.49
N GLU A 241 -5.65 -5.29 -23.21
CA GLU A 241 -6.76 -4.62 -22.54
C GLU A 241 -7.47 -5.53 -21.54
N ALA A 242 -7.44 -6.84 -21.77
CA ALA A 242 -8.08 -7.77 -20.86
C ALA A 242 -7.27 -7.99 -19.57
N HIS A 243 -5.99 -7.63 -19.57
CA HIS A 243 -5.18 -7.80 -18.36
C HIS A 243 -5.22 -6.57 -17.45
N CYS A 244 -5.21 -5.37 -18.03
CA CYS A 244 -5.28 -4.15 -17.25
C CYS A 244 -5.73 -3.02 -18.17
N ASP A 245 -5.98 -1.86 -17.56
CA ASP A 245 -6.48 -0.70 -18.28
C ASP A 245 -5.37 0.23 -18.75
N PHE A 246 -4.15 -0.30 -18.94
CA PHE A 246 -3.04 0.55 -19.36
C PHE A 246 -3.32 1.17 -20.72
N VAL A 247 -3.97 0.43 -21.62
CA VAL A 247 -4.30 0.97 -22.93
C VAL A 247 -5.27 2.14 -22.79
N LYS A 248 -6.18 2.06 -21.81
CA LYS A 248 -7.07 3.19 -21.55
C LYS A 248 -6.29 4.41 -21.09
N LEU A 249 -5.32 4.22 -20.19
CA LEU A 249 -4.52 5.35 -19.71
C LEU A 249 -3.66 5.93 -20.81
N ARG A 250 -3.13 5.08 -21.70
CA ARG A 250 -2.30 5.58 -22.78
C ARG A 250 -3.12 6.41 -23.78
N GLU A 251 -4.41 6.11 -23.93
CA GLU A 251 -5.26 6.89 -24.84
C GLU A 251 -5.60 8.28 -24.31
N MET A 252 -4.97 8.74 -23.22
CA MET A 252 -5.09 10.12 -22.79
C MET A 252 -4.07 11.02 -23.48
N LEU A 253 -3.05 10.44 -24.12
CA LEU A 253 -2.03 11.20 -24.82
C LEU A 253 -2.45 11.64 -26.22
N ILE A 254 -3.69 11.38 -26.62
CA ILE A 254 -4.16 11.85 -27.92
C ILE A 254 -4.14 13.37 -27.94
N ARG A 255 -3.91 13.93 -29.13
CA ARG A 255 -3.74 15.39 -29.25
C ARG A 255 -4.97 16.14 -28.75
N VAL A 256 -6.16 15.54 -28.82
CA VAL A 256 -7.36 16.22 -28.40
C VAL A 256 -7.50 16.19 -26.88
N ASN A 257 -7.34 15.01 -26.27
CA ASN A 257 -7.45 14.91 -24.82
C ASN A 257 -6.28 15.60 -24.11
N MET A 258 -5.11 15.60 -24.73
CA MET A 258 -3.93 16.20 -24.11
C MET A 258 -4.04 17.72 -24.07
N GLU A 259 -4.65 18.33 -25.09
CA GLU A 259 -4.82 19.78 -25.09
C GLU A 259 -5.95 20.23 -24.17
N ASP A 260 -6.96 19.37 -23.95
CA ASP A 260 -8.04 19.74 -23.04
C ASP A 260 -7.54 19.79 -21.60
N LEU A 261 -6.71 18.82 -21.21
CA LEU A 261 -6.07 18.90 -19.90
C LEU A 261 -5.28 20.19 -19.75
N ARG A 262 -4.56 20.60 -20.80
CA ARG A 262 -3.89 21.88 -20.78
C ARG A 262 -4.89 23.03 -20.79
N GLU A 263 -6.03 22.85 -21.46
CA GLU A 263 -7.05 23.90 -21.49
C GLU A 263 -7.86 23.94 -20.21
N GLN A 264 -8.30 22.78 -19.72
CA GLN A 264 -9.05 22.73 -18.48
C GLN A 264 -8.22 23.23 -17.30
N THR A 265 -6.90 23.15 -17.39
CA THR A 265 -6.03 23.73 -16.36
C THR A 265 -6.08 25.25 -16.41
N HIS A 266 -6.08 25.83 -17.61
CA HIS A 266 -5.98 27.28 -17.75
C HIS A 266 -7.31 27.97 -17.48
N THR A 267 -8.42 27.37 -17.92
CA THR A 267 -9.72 28.00 -17.83
C THR A 267 -10.46 27.70 -16.53
N ARG A 268 -10.09 26.63 -15.82
CA ARG A 268 -10.77 26.26 -14.58
C ARG A 268 -9.84 26.41 -13.38
N HIS A 269 -8.78 25.60 -13.29
CA HIS A 269 -7.96 25.58 -12.09
C HIS A 269 -7.13 26.86 -11.96
N TYR A 270 -6.47 27.28 -13.05
CA TYR A 270 -5.69 28.50 -13.01
C TYR A 270 -6.57 29.73 -12.88
N GLU A 271 -7.77 29.71 -13.45
CA GLU A 271 -8.71 30.81 -13.27
C GLU A 271 -9.14 30.92 -11.82
N LEU A 272 -9.28 29.79 -11.12
CA LEU A 272 -9.62 29.83 -9.71
C LEU A 272 -8.49 30.45 -8.89
N TYR A 273 -7.24 30.20 -9.29
CA TYR A 273 -6.11 30.82 -8.61
C TYR A 273 -6.10 32.33 -8.80
N ARG A 274 -6.50 32.80 -9.99
CA ARG A 274 -6.56 34.24 -10.22
C ARG A 274 -7.64 34.90 -9.38
N ARG A 275 -8.81 34.27 -9.27
CA ARG A 275 -9.91 34.85 -8.51
C ARG A 275 -9.53 35.05 -7.05
N CYS A 276 -8.74 34.13 -6.49
CA CYS A 276 -8.31 34.26 -5.11
C CYS A 276 -7.25 35.35 -4.97
N LYS A 277 -6.33 35.43 -5.93
CA LYS A 277 -5.27 36.44 -5.88
C LYS A 277 -5.80 37.85 -6.12
N LEU A 278 -6.96 37.98 -6.74
CA LEU A 278 -7.54 39.30 -6.98
C LEU A 278 -8.48 39.74 -5.87
N GLU A 279 -9.18 38.79 -5.23
CA GLU A 279 -10.11 39.16 -4.17
C GLU A 279 -9.37 39.68 -2.94
N GLU A 280 -8.26 39.05 -2.58
CA GLU A 280 -7.44 39.45 -1.44
C GLU A 280 -8.26 39.48 -0.14
N GLU B 4 -3.48 -23.92 25.09
CA GLU B 4 -3.73 -22.48 24.98
C GLU B 4 -2.61 -21.77 24.22
N PHE B 5 -2.96 -21.16 23.09
CA PHE B 5 -2.02 -20.37 22.30
C PHE B 5 -2.70 -19.08 21.88
N THR B 6 -1.94 -17.98 21.91
CA THR B 6 -2.45 -16.65 21.61
C THR B 6 -1.63 -16.04 20.48
N LEU B 7 -2.29 -15.75 19.36
CA LEU B 7 -1.65 -15.19 18.17
C LEU B 7 -2.16 -13.78 17.94
N MET B 8 -1.25 -12.81 17.89
CA MET B 8 -1.59 -11.43 17.59
C MET B 8 -1.32 -11.14 16.12
N VAL B 9 -2.21 -10.36 15.51
CA VAL B 9 -2.12 -9.97 14.11
C VAL B 9 -2.05 -8.45 14.04
N VAL B 10 -0.94 -7.93 13.52
CA VAL B 10 -0.72 -6.50 13.39
C VAL B 10 -0.29 -6.20 11.95
N GLY B 11 -0.85 -5.14 11.38
CA GLY B 11 -0.46 -4.73 10.04
C GLY B 11 -1.41 -3.72 9.42
N GLU B 12 -0.94 -3.02 8.39
CA GLU B 12 -1.78 -2.06 7.69
C GLU B 12 -3.03 -2.74 7.15
N SER B 13 -4.13 -1.98 7.17
CA SER B 13 -5.40 -2.52 6.67
C SER B 13 -5.30 -2.83 5.19
N GLY B 14 -6.00 -3.88 4.77
CA GLY B 14 -6.00 -4.27 3.37
C GLY B 14 -4.79 -5.04 2.91
N LEU B 15 -4.09 -5.73 3.80
CA LEU B 15 -2.95 -6.55 3.41
C LEU B 15 -3.30 -8.03 3.33
N GLY B 16 -4.58 -8.38 3.37
CA GLY B 16 -4.96 -9.78 3.36
C GLY B 16 -4.68 -10.51 4.65
N LYS B 17 -4.63 -9.79 5.78
CA LYS B 17 -4.37 -10.45 7.05
C LYS B 17 -5.53 -11.34 7.46
N SER B 18 -6.76 -10.86 7.29
CA SER B 18 -7.93 -11.68 7.63
C SER B 18 -8.01 -12.92 6.75
N THR B 19 -7.72 -12.77 5.46
CA THR B 19 -7.77 -13.90 4.54
C THR B 19 -6.74 -14.96 4.92
N LEU B 20 -5.52 -14.54 5.26
CA LEU B 20 -4.49 -15.50 5.64
C LEU B 20 -4.85 -16.24 6.92
N ILE B 21 -5.40 -15.52 7.91
CA ILE B 21 -5.79 -16.17 9.17
C ILE B 21 -6.87 -17.22 8.90
N ASN B 22 -7.90 -16.84 8.13
CA ASN B 22 -8.93 -17.80 7.76
C ASN B 22 -8.37 -18.93 6.89
N SER B 23 -7.21 -18.73 6.25
CA SER B 23 -6.60 -19.76 5.43
C SER B 23 -5.74 -20.73 6.23
N LEU B 24 -5.21 -20.30 7.38
CA LEU B 24 -4.35 -21.18 8.17
C LEU B 24 -5.11 -22.39 8.71
N PHE B 25 -6.37 -22.19 9.11
CA PHE B 25 -7.14 -23.25 9.72
C PHE B 25 -8.49 -23.49 9.06
N LEU B 26 -8.79 -22.79 7.95
CA LEU B 26 -10.09 -22.90 7.27
C LEU B 26 -11.24 -22.59 8.22
N THR B 27 -11.11 -21.45 8.91
CA THR B 27 -12.11 -21.00 9.88
C THR B 27 -12.41 -19.54 9.61
N ASP B 28 -13.66 -19.24 9.24
CA ASP B 28 -14.08 -17.88 8.97
C ASP B 28 -14.34 -17.16 10.29
N LEU B 29 -13.42 -16.27 10.67
CA LEU B 29 -13.49 -15.57 11.95
C LEU B 29 -14.03 -14.16 11.82
N TYR B 30 -14.34 -13.70 10.61
CA TYR B 30 -14.79 -12.32 10.38
C TYR B 30 -16.02 -12.31 9.48
N PRO B 31 -17.12 -12.94 9.92
CA PRO B 31 -18.30 -13.04 9.04
C PRO B 31 -19.07 -11.72 8.97
N GLU B 32 -19.05 -10.93 10.03
CA GLU B 32 -19.82 -9.70 10.11
C GLU B 32 -18.95 -8.46 10.24
N ARG B 33 -17.65 -8.57 9.95
CA ARG B 33 -16.75 -7.43 10.04
C ARG B 33 -17.08 -6.43 8.95
N VAL B 34 -17.17 -5.15 9.32
CA VAL B 34 -17.41 -4.06 8.37
C VAL B 34 -16.16 -3.20 8.30
N ILE B 35 -15.83 -2.77 7.09
CA ILE B 35 -14.68 -1.91 6.84
C ILE B 35 -15.19 -0.47 6.78
N PRO B 36 -14.64 0.44 7.58
CA PRO B 36 -15.12 1.82 7.56
C PRO B 36 -14.69 2.54 6.29
N GLY B 37 -15.38 3.65 6.01
CA GLY B 37 -15.02 4.49 4.89
C GLY B 37 -13.74 5.24 5.13
N ALA B 38 -13.23 5.84 4.05
CA ALA B 38 -12.00 6.62 4.14
C ALA B 38 -12.17 7.84 5.03
N ALA B 39 -13.40 8.37 5.14
CA ALA B 39 -13.64 9.50 6.02
C ALA B 39 -13.55 9.11 7.49
N GLU B 40 -13.94 7.88 7.83
CA GLU B 40 -13.89 7.43 9.22
C GLU B 40 -12.49 7.04 9.65
N LYS B 41 -11.60 6.69 8.72
CA LYS B 41 -10.23 6.31 9.05
C LYS B 41 -9.35 7.50 9.43
N ILE B 42 -9.81 8.73 9.14
CA ILE B 42 -8.98 9.91 9.41
C ILE B 42 -8.67 10.02 10.89
N GLU B 43 -9.68 9.83 11.75
CA GLU B 43 -9.50 9.90 13.19
C GLU B 43 -9.67 8.55 13.87
N ARG B 44 -9.62 7.46 13.10
CA ARG B 44 -9.85 6.14 13.65
C ARG B 44 -8.74 5.74 14.62
N THR B 45 -9.14 5.19 15.76
CA THR B 45 -8.21 4.73 16.77
C THR B 45 -8.01 3.23 16.66
N VAL B 46 -6.95 2.75 17.30
CA VAL B 46 -6.65 1.32 17.29
C VAL B 46 -7.53 0.62 18.33
N GLN B 47 -8.18 -0.45 17.92
CA GLN B 47 -9.02 -1.27 18.78
C GLN B 47 -8.51 -2.70 18.78
N ILE B 48 -9.02 -3.49 19.73
CA ILE B 48 -8.56 -4.85 19.97
C ILE B 48 -9.75 -5.79 19.90
N GLU B 49 -9.72 -6.74 18.97
CA GLU B 49 -10.73 -7.77 18.84
C GLU B 49 -10.07 -9.13 19.01
N ALA B 50 -10.64 -9.96 19.88
CA ALA B 50 -10.10 -11.29 20.15
C ALA B 50 -11.14 -12.33 19.73
N SER B 51 -10.72 -13.24 18.85
CA SER B 51 -11.54 -14.37 18.42
C SER B 51 -10.95 -15.66 18.96
N THR B 52 -11.82 -16.56 19.41
CA THR B 52 -11.39 -17.79 20.08
C THR B 52 -12.06 -18.98 19.40
N VAL B 53 -11.24 -19.94 18.96
CA VAL B 53 -11.73 -21.18 18.35
C VAL B 53 -10.92 -22.34 18.88
N GLU B 54 -11.41 -23.55 18.64
CA GLU B 54 -10.74 -24.76 19.09
C GLU B 54 -10.54 -25.75 17.94
N ARG B 63 -7.72 -24.59 21.15
CA ARG B 63 -7.35 -23.68 22.25
C ARG B 63 -6.63 -22.44 21.71
N LEU B 64 -7.15 -21.86 20.64
CA LEU B 64 -6.51 -20.78 19.91
C LEU B 64 -7.27 -19.47 20.10
N THR B 65 -6.52 -18.39 20.32
CA THR B 65 -7.08 -17.04 20.40
C THR B 65 -6.30 -16.15 19.43
N VAL B 66 -7.02 -15.55 18.48
CA VAL B 66 -6.42 -14.63 17.52
C VAL B 66 -6.80 -13.21 17.94
N VAL B 67 -5.79 -12.42 18.32
CA VAL B 67 -5.99 -11.05 18.76
C VAL B 67 -5.69 -10.13 17.58
N ASP B 68 -6.74 -9.54 17.02
CA ASP B 68 -6.60 -8.58 15.93
C ASP B 68 -6.50 -7.16 16.48
N THR B 69 -5.95 -6.27 15.64
CA THR B 69 -5.75 -4.87 16.02
C THR B 69 -6.27 -3.95 14.92
N PRO B 70 -7.58 -3.98 14.64
CA PRO B 70 -8.13 -3.10 13.60
C PRO B 70 -7.91 -1.64 13.94
N GLY B 71 -7.68 -0.84 12.89
CA GLY B 71 -7.38 0.57 13.04
C GLY B 71 -5.91 0.91 12.97
N TYR B 72 -5.03 -0.10 13.09
CA TYR B 72 -3.59 0.14 13.03
C TYR B 72 -3.21 0.70 11.66
N GLY B 73 -2.60 1.87 11.66
CA GLY B 73 -2.14 2.50 10.43
C GLY B 73 -3.19 3.26 9.65
N ASP B 74 -4.48 3.09 9.97
CA ASP B 74 -5.52 3.76 9.21
C ASP B 74 -5.56 5.25 9.50
N ALA B 75 -5.20 5.66 10.71
CA ALA B 75 -5.26 7.07 11.08
C ALA B 75 -4.18 7.85 10.35
N ILE B 76 -4.47 9.13 10.11
CA ILE B 76 -3.49 10.01 9.46
C ILE B 76 -2.37 10.36 10.43
N ASN B 77 -2.71 10.57 11.69
CA ASN B 77 -1.73 10.93 12.72
C ASN B 77 -1.73 9.82 13.78
N CYS B 78 -0.74 8.94 13.70
N CYS B 78 -0.73 8.94 13.71
CA CYS B 78 -0.58 7.89 14.71
CA CYS B 78 -0.59 7.89 14.70
C CYS B 78 -0.26 8.52 16.06
C CYS B 78 -0.26 8.51 16.06
N ARG B 79 -1.30 8.93 16.79
CA ARG B 79 -1.09 9.58 18.07
C ARG B 79 -0.62 8.57 19.13
N ASP B 80 -1.40 7.53 19.36
CA ASP B 80 -1.02 6.45 20.26
C ASP B 80 -1.32 5.11 19.60
N CYS B 81 -0.79 4.93 18.38
N CYS B 81 -0.79 4.92 18.38
CA CYS B 81 -1.05 3.70 17.63
CA CYS B 81 -1.05 3.70 17.63
C CYS B 81 -0.52 2.47 18.36
C CYS B 81 -0.54 2.47 18.37
N PHE B 82 0.68 2.56 18.92
CA PHE B 82 1.27 1.41 19.59
C PHE B 82 0.78 1.26 21.02
N LYS B 83 0.38 2.36 21.66
CA LYS B 83 0.05 2.31 23.08
C LYS B 83 -1.08 1.33 23.36
N THR B 84 -2.13 1.35 22.55
CA THR B 84 -3.23 0.42 22.76
C THR B 84 -2.78 -1.03 22.59
N ILE B 85 -1.79 -1.28 21.74
CA ILE B 85 -1.29 -2.64 21.58
C ILE B 85 -0.30 -2.98 22.68
N ILE B 86 0.62 -2.06 22.98
CA ILE B 86 1.64 -2.33 24.00
C ILE B 86 1.00 -2.57 25.36
N SER B 87 -0.02 -1.76 25.71
CA SER B 87 -0.64 -1.90 27.01
C SER B 87 -1.42 -3.20 27.13
N TYR B 88 -1.99 -3.69 26.02
CA TYR B 88 -2.66 -4.98 26.05
C TYR B 88 -1.67 -6.10 26.38
N ILE B 89 -0.52 -6.10 25.71
CA ILE B 89 0.50 -7.11 25.98
C ILE B 89 0.94 -7.03 27.44
N ASP B 90 1.18 -5.82 27.94
CA ASP B 90 1.57 -5.68 29.34
C ASP B 90 0.44 -6.07 30.28
N GLU B 91 -0.81 -5.79 29.90
CA GLU B 91 -1.95 -6.16 30.73
C GLU B 91 -2.02 -7.67 30.94
N GLN B 92 -1.82 -8.43 29.86
CA GLN B 92 -1.84 -9.89 29.98
C GLN B 92 -0.69 -10.38 30.85
N PHE B 93 0.47 -9.72 30.79
CA PHE B 93 1.55 -10.04 31.71
C PHE B 93 1.17 -9.69 33.14
N GLU B 94 0.47 -8.57 33.34
CA GLU B 94 0.10 -8.15 34.68
C GLU B 94 -0.98 -9.05 35.27
N ARG B 95 -1.97 -9.42 34.46
CA ARG B 95 -3.03 -10.32 34.95
C ARG B 95 -2.44 -11.67 35.35
N TYR B 96 -1.55 -12.22 34.53
CA TYR B 96 -0.89 -13.48 34.89
C TYR B 96 -0.01 -13.32 36.11
N LEU B 97 0.64 -12.16 36.26
CA LEU B 97 1.48 -11.90 37.42
C LEU B 97 0.66 -11.91 38.70
N HIS B 98 -0.48 -11.22 38.71
CA HIS B 98 -1.31 -11.16 39.90
C HIS B 98 -2.07 -12.46 40.13
N ASP B 99 -2.28 -13.27 39.10
CA ASP B 99 -2.85 -14.60 39.29
C ASP B 99 -1.81 -15.59 39.78
N GLU B 100 -0.57 -15.47 39.30
CA GLU B 100 0.51 -16.31 39.81
C GLU B 100 0.77 -16.03 41.29
N SER B 101 0.70 -14.76 41.69
CA SER B 101 0.87 -14.39 43.09
C SER B 101 -0.36 -14.67 43.94
N GLY B 102 -1.49 -15.01 43.33
CA GLY B 102 -2.69 -15.29 44.06
C GLY B 102 -2.65 -16.65 44.73
N LEU B 103 -3.82 -17.09 45.16
CA LEU B 103 -3.97 -18.37 45.85
C LEU B 103 -4.78 -19.37 45.04
N ASN B 104 -5.31 -18.99 43.89
CA ASN B 104 -6.02 -19.92 43.03
C ASN B 104 -5.26 -20.17 41.75
N ARG B 105 -3.99 -20.59 41.89
CA ARG B 105 -3.14 -20.86 40.73
C ARG B 105 -3.54 -22.11 39.98
N ARG B 106 -4.42 -22.94 40.53
CA ARG B 106 -4.90 -24.12 39.83
C ARG B 106 -5.71 -23.73 38.60
N HIS B 107 -6.78 -22.95 38.81
CA HIS B 107 -7.62 -22.45 37.72
C HIS B 107 -7.10 -21.08 37.32
N ILE B 108 -6.24 -21.06 36.31
CA ILE B 108 -5.65 -19.82 35.80
C ILE B 108 -5.66 -19.86 34.29
N ILE B 109 -6.05 -18.76 33.67
CA ILE B 109 -6.10 -18.63 32.22
C ILE B 109 -4.87 -17.85 31.76
N ASP B 110 -4.12 -18.43 30.81
CA ASP B 110 -2.92 -17.82 30.27
C ASP B 110 -3.29 -17.13 28.97
N ASN B 111 -3.51 -15.82 29.04
CA ASN B 111 -3.82 -15.01 27.87
C ASN B 111 -2.61 -14.28 27.31
N ARG B 112 -1.42 -14.56 27.84
CA ARG B 112 -0.21 -13.88 27.37
C ARG B 112 -0.01 -14.13 25.88
N VAL B 113 0.30 -13.05 25.15
CA VAL B 113 0.50 -13.15 23.70
C VAL B 113 1.76 -13.94 23.42
N HIS B 114 1.61 -15.08 22.76
CA HIS B 114 2.74 -15.96 22.49
C HIS B 114 3.43 -15.66 21.16
N CYS B 115 2.72 -15.10 20.19
CA CYS B 115 3.30 -14.81 18.89
C CYS B 115 2.52 -13.67 18.23
N CYS B 116 3.26 -12.78 17.58
CA CYS B 116 2.68 -11.65 16.85
C CYS B 116 3.12 -11.73 15.39
N PHE B 117 2.16 -11.93 14.50
CA PHE B 117 2.40 -11.83 13.06
C PHE B 117 2.32 -10.36 12.67
N TYR B 118 3.41 -9.81 12.15
CA TYR B 118 3.44 -8.45 11.62
C TYR B 118 3.53 -8.51 10.10
N PHE B 119 2.58 -7.86 9.43
CA PHE B 119 2.44 -7.96 7.98
C PHE B 119 3.13 -6.77 7.32
N ILE B 120 4.25 -7.05 6.62
CA ILE B 120 4.98 -6.06 5.85
C ILE B 120 4.29 -5.87 4.51
N SER B 121 4.16 -4.62 4.07
CA SER B 121 3.58 -4.35 2.77
C SER B 121 4.55 -4.77 1.66
N PRO B 122 4.05 -5.36 0.58
CA PRO B 122 4.90 -5.69 -0.57
C PRO B 122 5.02 -4.61 -1.62
N PHE B 123 4.36 -3.46 -1.43
CA PHE B 123 4.27 -2.45 -2.48
C PHE B 123 5.28 -1.32 -2.32
N GLY B 124 6.13 -1.37 -1.30
CA GLY B 124 7.20 -0.42 -1.12
C GLY B 124 8.56 -1.00 -1.46
N HIS B 125 9.60 -0.24 -1.13
CA HIS B 125 10.96 -0.73 -1.36
C HIS B 125 11.44 -1.60 -0.22
N GLY B 126 11.04 -1.28 1.01
CA GLY B 126 11.41 -2.05 2.18
C GLY B 126 10.32 -1.96 3.23
N LEU B 127 10.67 -1.58 4.45
CA LEU B 127 9.69 -1.38 5.50
C LEU B 127 9.65 0.08 5.92
N LYS B 128 8.45 0.58 6.20
CA LYS B 128 8.27 1.97 6.54
C LYS B 128 8.80 2.25 7.94
N PRO B 129 8.98 3.53 8.28
CA PRO B 129 9.33 3.85 9.68
C PRO B 129 8.30 3.36 10.69
N LEU B 130 7.03 3.24 10.30
CA LEU B 130 6.02 2.70 11.20
C LEU B 130 6.33 1.26 11.57
N ASP B 131 6.85 0.48 10.63
CA ASP B 131 7.21 -0.91 10.91
C ASP B 131 8.37 -0.98 11.91
N VAL B 132 9.37 -0.12 11.74
CA VAL B 132 10.52 -0.13 12.62
C VAL B 132 10.12 0.27 14.04
N ALA B 133 9.36 1.37 14.16
CA ALA B 133 8.98 1.85 15.48
C ALA B 133 8.15 0.81 16.23
N PHE B 134 7.22 0.14 15.54
CA PHE B 134 6.35 -0.82 16.21
C PHE B 134 7.14 -2.05 16.67
N MET B 135 7.98 -2.59 15.79
CA MET B 135 8.75 -3.78 16.15
C MET B 135 9.76 -3.47 17.25
N LYS B 136 10.42 -2.31 17.19
CA LYS B 136 11.31 -1.93 18.27
C LYS B 136 10.57 -1.69 19.58
N ALA B 137 9.25 -1.53 19.53
CA ALA B 137 8.48 -1.30 20.74
C ALA B 137 8.01 -2.58 21.40
N ILE B 138 7.91 -3.68 20.66
CA ILE B 138 7.38 -4.94 21.20
C ILE B 138 8.36 -6.10 21.10
N HIS B 139 9.52 -5.93 20.45
CA HIS B 139 10.41 -7.07 20.25
C HIS B 139 10.98 -7.60 21.55
N ASN B 140 10.93 -6.83 22.63
CA ASN B 140 11.31 -7.31 23.95
C ASN B 140 10.12 -7.82 24.75
N LYS B 141 8.97 -8.01 24.11
CA LYS B 141 7.75 -8.38 24.82
C LYS B 141 7.03 -9.54 24.13
N VAL B 142 7.17 -9.66 22.82
CA VAL B 142 6.48 -10.69 22.04
C VAL B 142 7.44 -11.27 21.01
N ASN B 143 7.26 -12.55 20.70
CA ASN B 143 7.97 -13.19 19.60
C ASN B 143 7.44 -12.67 18.28
N ILE B 144 8.27 -11.92 17.56
CA ILE B 144 7.86 -11.29 16.30
C ILE B 144 8.16 -12.24 15.15
N VAL B 145 7.15 -12.49 14.33
CA VAL B 145 7.31 -13.25 13.09
C VAL B 145 6.91 -12.35 11.93
N PRO B 146 7.88 -11.79 11.21
CA PRO B 146 7.56 -10.93 10.06
C PRO B 146 7.06 -11.75 8.89
N VAL B 147 6.06 -11.22 8.20
CA VAL B 147 5.49 -11.86 7.02
C VAL B 147 5.33 -10.82 5.92
N ILE B 148 5.54 -11.24 4.68
CA ILE B 148 5.36 -10.39 3.52
C ILE B 148 3.98 -10.67 2.95
N ALA B 149 3.08 -9.70 3.09
CA ALA B 149 1.70 -9.88 2.63
C ALA B 149 1.63 -9.87 1.11
N LYS B 150 0.61 -10.54 0.58
CA LYS B 150 0.27 -10.52 -0.85
C LYS B 150 1.50 -10.82 -1.71
N ALA B 151 2.08 -12.01 -1.49
CA ALA B 151 3.30 -12.38 -2.20
C ALA B 151 3.10 -12.51 -3.70
N ASP B 152 1.86 -12.69 -4.17
CA ASP B 152 1.58 -12.84 -5.60
C ASP B 152 1.72 -11.54 -6.38
N THR B 153 2.18 -10.46 -5.75
CA THR B 153 2.48 -9.21 -6.43
C THR B 153 3.97 -9.02 -6.69
N LEU B 154 4.79 -10.01 -6.34
CA LEU B 154 6.23 -9.92 -6.47
C LEU B 154 6.72 -11.07 -7.35
N THR B 155 7.55 -10.74 -8.33
CA THR B 155 8.23 -11.76 -9.09
C THR B 155 9.30 -12.41 -8.21
N LEU B 156 9.86 -13.52 -8.69
CA LEU B 156 10.93 -14.19 -7.94
C LEU B 156 12.08 -13.24 -7.67
N LYS B 157 12.49 -12.46 -8.69
CA LYS B 157 13.57 -11.50 -8.49
C LYS B 157 13.16 -10.42 -7.49
N GLU B 158 11.97 -9.84 -7.66
CA GLU B 158 11.49 -8.84 -6.72
C GLU B 158 11.33 -9.42 -5.31
N ARG B 159 10.93 -10.69 -5.21
CA ARG B 159 10.72 -11.29 -3.89
C ARG B 159 12.04 -11.43 -3.12
N GLU B 160 13.10 -11.87 -3.79
CA GLU B 160 14.39 -12.01 -3.13
C GLU B 160 15.00 -10.66 -2.78
N ARG B 161 14.76 -9.64 -3.61
CA ARG B 161 15.27 -8.31 -3.30
C ARG B 161 14.64 -7.77 -2.02
N LEU B 162 13.35 -8.04 -1.82
CA LEU B 162 12.65 -7.50 -0.65
C LEU B 162 13.03 -8.25 0.61
N LYS B 163 13.22 -9.58 0.51
CA LYS B 163 13.60 -10.36 1.68
C LYS B 163 15.00 -9.99 2.17
N LYS B 164 15.95 -9.82 1.24
CA LYS B 164 17.30 -9.44 1.64
C LYS B 164 17.33 -8.03 2.21
N ARG B 165 16.49 -7.14 1.69
CA ARG B 165 16.46 -5.77 2.20
C ARG B 165 15.86 -5.73 3.60
N ILE B 166 14.75 -6.45 3.81
CA ILE B 166 14.12 -6.48 5.13
C ILE B 166 15.07 -7.05 6.17
N LEU B 167 15.79 -8.12 5.82
CA LEU B 167 16.69 -8.74 6.79
C LEU B 167 17.86 -7.83 7.13
N ASP B 168 18.35 -7.07 6.16
CA ASP B 168 19.42 -6.11 6.44
C ASP B 168 18.93 -4.97 7.33
N GLU B 169 17.74 -4.43 7.01
CA GLU B 169 17.17 -3.38 7.84
C GLU B 169 16.87 -3.87 9.24
N ILE B 170 16.49 -5.14 9.39
CA ILE B 170 16.30 -5.73 10.71
C ILE B 170 17.62 -5.74 11.47
N GLU B 171 18.72 -6.08 10.78
CA GLU B 171 20.01 -6.18 11.45
C GLU B 171 20.54 -4.81 11.86
N GLU B 172 20.45 -3.83 10.96
CA GLU B 172 20.98 -2.50 11.25
C GLU B 172 20.07 -1.68 12.15
N HIS B 173 18.86 -2.17 12.45
CA HIS B 173 18.00 -1.56 13.46
C HIS B 173 17.95 -2.38 14.74
N ASN B 174 18.64 -3.52 14.79
CA ASN B 174 18.67 -4.39 15.97
C ASN B 174 17.26 -4.81 16.38
N ILE B 175 16.54 -5.38 15.43
CA ILE B 175 15.21 -5.92 15.69
C ILE B 175 15.36 -7.34 16.21
N LYS B 176 14.80 -7.61 17.39
CA LYS B 176 14.85 -8.93 18.00
C LYS B 176 13.58 -9.68 17.57
N ILE B 177 13.62 -10.20 16.34
CA ILE B 177 12.53 -11.06 15.89
C ILE B 177 12.70 -12.46 16.47
N TYR B 178 11.63 -13.24 16.40
CA TYR B 178 11.70 -14.62 16.86
C TYR B 178 12.66 -15.41 16.00
N HIS B 179 13.51 -16.20 16.64
CA HIS B 179 14.49 -17.03 15.95
C HIS B 179 14.15 -18.50 16.13
N LEU B 180 14.28 -19.26 15.07
CA LEU B 180 14.09 -20.70 15.11
C LEU B 180 15.31 -21.37 15.74
N PRO B 181 15.13 -22.53 16.39
CA PRO B 181 16.26 -23.14 17.12
C PRO B 181 17.14 -24.03 16.26
N ASP B 182 18.36 -23.58 16.01
CA ASP B 182 19.40 -24.36 15.30
C ASP B 182 18.93 -24.86 13.93
N PHE B 191 13.59 -33.73 8.55
CA PHE B 191 13.93 -33.01 9.78
C PHE B 191 15.01 -31.97 9.51
N LYS B 192 16.19 -32.43 9.09
CA LYS B 192 17.28 -31.50 8.80
C LYS B 192 16.94 -30.60 7.62
N GLU B 193 16.33 -31.17 6.57
CA GLU B 193 15.93 -30.36 5.43
C GLU B 193 14.77 -29.44 5.78
N GLN B 194 13.92 -29.84 6.73
CA GLN B 194 12.80 -28.99 7.12
C GLN B 194 13.28 -27.71 7.78
N THR B 195 14.16 -27.84 8.78
CA THR B 195 14.70 -26.65 9.44
C THR B 195 15.54 -25.82 8.49
N ARG B 196 16.30 -26.47 7.60
CA ARG B 196 17.17 -25.74 6.68
C ARG B 196 16.35 -24.87 5.73
N LEU B 197 15.35 -25.46 5.07
CA LEU B 197 14.56 -24.71 4.10
C LEU B 197 13.63 -23.72 4.78
N LEU B 198 13.22 -24.00 6.02
CA LEU B 198 12.33 -23.09 6.73
C LEU B 198 13.04 -21.79 7.07
N LYS B 199 14.28 -21.88 7.59
CA LYS B 199 15.03 -20.70 7.95
C LYS B 199 15.41 -19.86 6.74
N ALA B 200 15.64 -20.50 5.59
CA ALA B 200 16.12 -19.78 4.42
C ALA B 200 15.04 -18.88 3.81
N SER B 201 13.77 -19.23 4.01
CA SER B 201 12.67 -18.49 3.41
C SER B 201 12.20 -17.31 4.26
N ILE B 202 12.80 -17.09 5.42
CA ILE B 202 12.41 -15.97 6.29
C ILE B 202 12.95 -14.67 5.69
N PRO B 203 12.14 -13.61 5.60
CA PRO B 203 10.74 -13.55 6.02
C PRO B 203 9.77 -14.21 5.04
N PHE B 204 8.85 -15.01 5.56
CA PHE B 204 7.89 -15.72 4.73
C PHE B 204 7.02 -14.74 3.94
N SER B 205 6.95 -14.97 2.63
CA SER B 205 6.08 -14.21 1.74
C SER B 205 4.91 -15.11 1.36
N VAL B 206 3.73 -14.81 1.88
CA VAL B 206 2.61 -15.72 1.84
C VAL B 206 1.54 -15.20 0.89
N VAL B 207 0.67 -16.13 0.48
CA VAL B 207 -0.54 -15.81 -0.27
C VAL B 207 -1.70 -16.55 0.38
N GLY B 208 -2.78 -15.84 0.66
CA GLY B 208 -3.95 -16.46 1.24
C GLY B 208 -5.16 -16.36 0.33
N SER B 209 -6.13 -17.24 0.52
CA SER B 209 -7.33 -17.22 -0.30
C SER B 209 -8.43 -17.99 0.40
N ASN B 210 -9.67 -17.53 0.18
CA ASN B 210 -10.86 -18.25 0.57
C ASN B 210 -11.60 -18.81 -0.62
N GLN B 211 -11.04 -18.68 -1.82
CA GLN B 211 -11.70 -19.07 -3.06
C GLN B 211 -11.16 -20.41 -3.54
N LEU B 212 -12.00 -21.15 -4.25
CA LEU B 212 -11.64 -22.44 -4.81
C LEU B 212 -11.70 -22.34 -6.33
N ILE B 213 -10.62 -22.74 -6.99
CA ILE B 213 -10.56 -22.69 -8.44
C ILE B 213 -10.06 -24.02 -9.00
N LYS B 218 -9.49 -29.77 -11.56
CA LYS B 218 -9.17 -28.36 -11.74
C LYS B 218 -9.74 -27.51 -10.60
N LYS B 219 -9.61 -28.02 -9.38
CA LYS B 219 -10.14 -27.36 -8.18
C LYS B 219 -9.06 -27.32 -7.11
N VAL B 220 -8.71 -26.10 -6.67
CA VAL B 220 -7.70 -25.92 -5.63
C VAL B 220 -7.86 -24.52 -5.05
N ARG B 221 -7.40 -24.34 -3.82
CA ARG B 221 -7.48 -23.03 -3.17
C ARG B 221 -6.42 -22.09 -3.71
N GLY B 222 -6.85 -20.90 -4.14
CA GLY B 222 -5.92 -19.92 -4.64
C GLY B 222 -6.64 -18.69 -5.17
N ARG B 223 -5.94 -17.94 -6.01
CA ARG B 223 -6.46 -16.71 -6.60
C ARG B 223 -6.41 -16.79 -8.12
N LEU B 224 -7.43 -16.26 -8.77
CA LEU B 224 -7.61 -16.34 -10.22
C LEU B 224 -7.28 -14.99 -10.86
N TYR B 225 -6.37 -15.01 -11.83
CA TYR B 225 -6.02 -13.87 -12.65
C TYR B 225 -6.20 -14.22 -14.12
N PRO B 226 -6.33 -13.22 -15.00
CA PRO B 226 -6.47 -13.53 -16.43
C PRO B 226 -5.26 -14.25 -17.02
N TRP B 227 -4.09 -14.14 -16.41
CA TRP B 227 -2.85 -14.67 -16.95
C TRP B 227 -2.36 -15.93 -16.25
N GLY B 228 -3.09 -16.43 -15.26
CA GLY B 228 -2.67 -17.61 -14.52
C GLY B 228 -3.31 -17.66 -13.15
N VAL B 229 -3.17 -18.81 -12.52
CA VAL B 229 -3.79 -19.10 -11.23
C VAL B 229 -2.69 -19.29 -10.19
N VAL B 230 -2.79 -18.55 -9.08
CA VAL B 230 -1.88 -18.70 -7.95
C VAL B 230 -2.44 -19.78 -7.03
N GLU B 231 -1.56 -20.64 -6.53
CA GLU B 231 -1.94 -21.74 -5.64
C GLU B 231 -1.39 -21.45 -4.25
N VAL B 232 -2.28 -21.44 -3.25
CA VAL B 232 -1.86 -21.12 -1.89
C VAL B 232 -0.88 -22.17 -1.37
N GLU B 233 -1.26 -23.43 -1.46
CA GLU B 233 -0.45 -24.52 -0.91
C GLU B 233 0.67 -24.97 -1.86
N ASN B 234 1.07 -24.14 -2.82
CA ASN B 234 2.18 -24.47 -3.69
C ASN B 234 3.42 -23.76 -3.17
N PRO B 235 4.43 -24.48 -2.68
CA PRO B 235 5.62 -23.81 -2.14
C PRO B 235 6.41 -23.03 -3.18
N GLU B 236 6.29 -23.39 -4.46
CA GLU B 236 6.95 -22.61 -5.51
C GLU B 236 6.25 -21.30 -5.79
N HIS B 237 5.01 -21.11 -5.30
CA HIS B 237 4.27 -19.87 -5.49
C HIS B 237 4.40 -18.92 -4.30
N ASN B 238 4.26 -19.43 -3.08
CA ASN B 238 4.41 -18.61 -1.88
C ASN B 238 4.75 -19.52 -0.72
N ASP B 239 4.97 -18.91 0.44
CA ASP B 239 5.44 -19.62 1.64
C ASP B 239 4.31 -19.88 2.63
N PHE B 240 3.10 -20.17 2.16
CA PHE B 240 2.01 -20.48 3.06
C PHE B 240 2.31 -21.74 3.87
N LEU B 241 2.69 -22.81 3.19
CA LEU B 241 2.93 -24.07 3.90
C LEU B 241 4.08 -23.95 4.89
N LYS B 242 5.13 -23.21 4.51
CA LYS B 242 6.24 -23.00 5.44
C LYS B 242 5.77 -22.23 6.68
N LEU B 243 4.99 -21.17 6.50
CA LEU B 243 4.48 -20.43 7.65
C LEU B 243 3.60 -21.32 8.52
N ARG B 244 2.71 -22.09 7.89
CA ARG B 244 1.85 -22.99 8.66
C ARG B 244 2.64 -24.08 9.35
N THR B 245 3.63 -24.67 8.66
CA THR B 245 4.45 -25.70 9.27
C THR B 245 5.28 -25.13 10.41
N MET B 246 5.86 -23.94 10.22
CA MET B 246 6.64 -23.32 11.28
C MET B 246 5.81 -23.07 12.52
N LEU B 247 4.56 -22.66 12.35
CA LEU B 247 3.72 -22.34 13.50
C LEU B 247 3.31 -23.61 14.25
N ILE B 248 3.06 -24.70 13.52
CA ILE B 248 2.63 -25.95 14.16
C ILE B 248 3.79 -26.59 14.91
N THR B 249 5.00 -26.53 14.33
CA THR B 249 6.13 -27.22 14.95
C THR B 249 6.76 -26.40 16.06
N HIS B 250 6.79 -25.08 15.92
CA HIS B 250 7.40 -24.19 16.91
C HIS B 250 6.38 -23.62 17.88
N MET B 251 5.16 -24.15 17.90
CA MET B 251 4.15 -23.61 18.81
C MET B 251 4.53 -23.83 20.26
N GLN B 252 5.12 -24.99 20.58
CA GLN B 252 5.56 -25.24 21.94
C GLN B 252 6.73 -24.34 22.32
N ASP B 253 7.62 -24.06 21.37
CA ASP B 253 8.77 -23.20 21.66
C ASP B 253 8.37 -21.74 21.77
N LEU B 254 7.37 -21.31 21.00
CA LEU B 254 6.92 -19.92 21.06
C LEU B 254 6.42 -19.57 22.46
N GLN B 255 5.51 -20.39 22.99
CA GLN B 255 5.01 -20.14 24.34
C GLN B 255 6.08 -20.37 25.40
N GLU B 256 7.08 -21.18 25.11
CA GLU B 256 8.18 -21.39 26.05
C GLU B 256 9.03 -20.12 26.18
N VAL B 257 9.37 -19.51 25.05
CA VAL B 257 10.15 -18.27 25.08
C VAL B 257 9.34 -17.14 25.68
N THR B 258 8.02 -17.16 25.49
CA THR B 258 7.15 -16.15 26.10
C THR B 258 7.19 -16.26 27.62
N GLN B 259 7.07 -17.48 28.14
CA GLN B 259 7.00 -17.65 29.59
C GLN B 259 8.36 -17.45 30.24
N ASP B 260 9.43 -17.93 29.60
CA ASP B 260 10.75 -17.94 30.22
C ASP B 260 11.57 -16.69 29.93
N LEU B 261 11.22 -15.92 28.89
CA LEU B 261 12.00 -14.75 28.52
C LEU B 261 11.19 -13.45 28.57
N HIS B 262 10.13 -13.34 27.78
CA HIS B 262 9.39 -12.07 27.73
C HIS B 262 8.63 -11.80 29.02
N TYR B 263 8.10 -12.85 29.67
CA TYR B 263 7.35 -12.63 30.90
C TYR B 263 8.28 -12.31 32.06
N GLU B 264 9.44 -12.97 32.12
CA GLU B 264 10.38 -12.71 33.21
C GLU B 264 11.04 -11.35 33.09
N ASN B 265 11.24 -10.87 31.85
CA ASN B 265 11.77 -9.52 31.67
C ASN B 265 10.75 -8.47 32.11
N PHE B 266 9.48 -8.69 31.77
CA PHE B 266 8.43 -7.80 32.28
C PHE B 266 8.36 -7.83 33.79
N ARG B 267 8.55 -9.02 34.38
CA ARG B 267 8.45 -9.16 35.83
C ARG B 267 9.55 -8.39 36.54
N SER B 268 10.78 -8.45 36.00
CA SER B 268 11.88 -7.70 36.61
C SER B 268 11.74 -6.21 36.35
N GLU B 269 11.24 -5.83 35.16
CA GLU B 269 11.01 -4.42 34.87
C GLU B 269 9.83 -3.87 35.66
N ARG B 270 8.84 -4.72 35.98
CA ARG B 270 7.72 -4.28 36.80
C ARG B 270 8.17 -3.91 38.20
N LEU B 271 9.16 -4.62 38.73
CA LEU B 271 9.66 -4.40 40.08
C LEU B 271 10.62 -3.22 40.20
N LYS B 272 10.76 -2.42 39.14
CA LYS B 272 11.51 -1.17 39.26
C LYS B 272 10.80 -0.21 40.20
N ARG B 273 9.47 -0.11 40.09
CA ARG B 273 8.69 0.75 40.95
C ARG B 273 8.11 -0.03 42.13
#